data_5XFH
#
_entry.id   5XFH
#
_cell.length_a   45.783
_cell.length_b   71.620
_cell.length_c   97.201
_cell.angle_alpha   90.00
_cell.angle_beta   90.00
_cell.angle_gamma   90.00
#
_symmetry.space_group_name_H-M   'P 21 21 21'
#
loop_
_entity.id
_entity.type
_entity.pdbx_description
1 polymer 'Salt stress-induced protein'
2 branched beta-D-galactopyranose-(1-4)-2-acetamido-2-deoxy-beta-D-glucopyranose-(1-2)-alpha-D-mannopyranose-(1-3)-[2-acetamido-2-deoxy-beta-D-glucopyranose-(1-2)-alpha-D-mannopyranose-(1-6)]beta-D-mannopyranose
3 water water
#
_entity_poly.entity_id   1
_entity_poly.type   'polypeptide(L)'
_entity_poly.pdbx_seq_one_letter_code
;MTLVKIGPWGGNGGSAQDISVPPKKLLGVTIYSSDAIRSIAFNYIGVDGQEYAIGPWGGGESTSTEIKLGSSEQIKEISG
THGPVYDLADIVTYLKIVTSANNTYEAGVPNGKEFSIPLQDSGHVVGFFGRSGTLIDAIGIYVHP
;
_entity_poly.pdbx_strand_id   A,B
#
# COMPACT_ATOMS: atom_id res chain seq x y z
N THR A 2 -2.96 11.85 35.41
CA THR A 2 -1.67 11.77 34.77
C THR A 2 -1.56 10.41 34.05
N LEU A 3 -1.23 10.49 32.76
CA LEU A 3 -1.12 9.29 31.93
C LEU A 3 0.32 8.76 31.97
N VAL A 4 0.44 7.45 31.93
CA VAL A 4 1.72 6.81 31.65
C VAL A 4 1.92 6.78 30.15
N LYS A 5 3.16 7.08 29.71
CA LYS A 5 3.50 7.16 28.29
C LYS A 5 4.64 6.18 28.07
N ILE A 6 4.42 5.17 27.20
CA ILE A 6 5.36 4.06 27.04
C ILE A 6 5.72 3.91 25.57
N GLY A 7 7.00 3.73 25.32
CA GLY A 7 7.49 3.54 23.96
C GLY A 7 8.37 4.71 23.53
N PRO A 8 8.62 4.84 22.22
CA PRO A 8 8.08 4.07 21.12
C PRO A 8 8.85 2.78 20.87
N TRP A 9 8.27 1.84 20.12
CA TRP A 9 8.95 0.64 19.66
C TRP A 9 8.96 0.71 18.13
N GLY A 10 10.14 0.52 17.53
CA GLY A 10 10.24 0.63 16.08
C GLY A 10 11.49 1.39 15.68
N GLY A 11 11.53 1.87 14.44
CA GLY A 11 12.73 2.48 13.89
C GLY A 11 12.77 3.99 13.97
N ASN A 12 13.81 4.55 13.34
CA ASN A 12 14.07 5.99 13.32
C ASN A 12 13.51 6.70 12.09
N GLY A 13 12.90 5.98 11.17
CA GLY A 13 12.49 6.58 9.92
C GLY A 13 11.25 7.41 10.15
N GLY A 14 10.75 8.00 9.07
CA GLY A 14 9.56 8.78 9.19
C GLY A 14 9.75 10.07 9.98
N SER A 15 8.63 10.58 10.49
CA SER A 15 8.62 11.79 11.31
C SER A 15 7.85 11.53 12.59
N ALA A 16 8.28 12.18 13.68
CA ALA A 16 7.62 11.98 14.97
C ALA A 16 6.19 12.47 14.90
N GLN A 17 5.26 11.69 15.49
CA GLN A 17 3.85 12.05 15.59
C GLN A 17 3.42 11.94 17.04
N ASP A 18 2.50 12.82 17.44
CA ASP A 18 2.04 12.77 18.83
C ASP A 18 0.76 13.60 18.90
N ILE A 19 0.21 13.70 20.11
CA ILE A 19 -1.04 14.43 20.35
C ILE A 19 -0.81 15.43 21.47
N SER A 20 -1.49 16.57 21.38
CA SER A 20 -1.23 17.65 22.32
C SER A 20 -2.16 17.60 23.53
N VAL A 21 -3.44 17.35 23.32
CA VAL A 21 -4.41 17.27 24.41
C VAL A 21 -4.39 15.84 24.94
N PRO A 22 -4.03 15.61 26.21
CA PRO A 22 -4.02 14.24 26.76
C PRO A 22 -5.38 13.57 26.63
N PRO A 23 -5.40 12.30 26.21
CA PRO A 23 -6.66 11.57 26.12
C PRO A 23 -7.22 11.18 27.47
N LYS A 24 -8.54 11.33 27.62
CA LYS A 24 -9.25 10.78 28.77
C LYS A 24 -9.90 9.44 28.47
N LYS A 25 -10.43 9.30 27.26
CA LYS A 25 -11.28 8.16 26.91
C LYS A 25 -11.10 7.83 25.42
N LEU A 26 -10.68 6.60 25.11
CA LEU A 26 -10.44 6.20 23.73
C LEU A 26 -11.73 5.67 23.10
N LEU A 27 -12.15 6.26 21.98
CA LEU A 27 -13.41 5.88 21.35
C LEU A 27 -13.24 4.80 20.27
N GLY A 28 -12.13 4.80 19.55
CA GLY A 28 -11.92 3.75 18.55
C GLY A 28 -10.58 3.91 17.88
N VAL A 29 -10.14 2.83 17.24
CA VAL A 29 -8.87 2.77 16.52
C VAL A 29 -9.11 2.08 15.18
N THR A 30 -8.54 2.64 14.11
CA THR A 30 -8.50 1.97 12.82
C THR A 30 -7.05 1.78 12.40
N ILE A 31 -6.69 0.56 12.02
CA ILE A 31 -5.34 0.22 11.59
C ILE A 31 -5.41 -0.31 10.18
N TYR A 32 -4.53 0.15 9.30
CA TYR A 32 -4.40 -0.42 7.98
C TYR A 32 -3.07 -1.16 7.91
N SER A 33 -3.09 -2.37 7.37
CA SER A 33 -1.87 -3.17 7.39
C SER A 33 -1.79 -4.05 6.15
N SER A 34 -0.55 -4.48 5.87
CA SER A 34 -0.24 -5.48 4.86
C SER A 34 0.78 -6.41 5.50
N ASP A 35 2.00 -6.46 4.95
CA ASP A 35 3.08 -7.10 5.66
C ASP A 35 3.65 -6.19 6.74
N ALA A 36 3.28 -4.91 6.75
CA ALA A 36 3.68 -4.00 7.80
C ALA A 36 2.46 -3.25 8.29
N ILE A 37 2.61 -2.55 9.41
CA ILE A 37 1.54 -1.65 9.83
C ILE A 37 1.67 -0.40 8.99
N ARG A 38 0.65 -0.12 8.16
CA ARG A 38 0.76 0.99 7.22
C ARG A 38 0.20 2.29 7.79
N SER A 39 -0.90 2.22 8.55
CA SER A 39 -1.40 3.46 9.12
C SER A 39 -2.21 3.17 10.39
N ILE A 40 -2.35 4.20 11.20
CA ILE A 40 -3.20 4.13 12.40
C ILE A 40 -3.96 5.44 12.50
N ALA A 41 -5.23 5.34 12.88
CA ALA A 41 -6.09 6.48 13.16
C ALA A 41 -6.86 6.15 14.43
N PHE A 42 -7.18 7.19 15.21
CA PHE A 42 -7.92 6.95 16.43
C PHE A 42 -8.64 8.24 16.85
N ASN A 43 -9.77 8.08 17.51
CA ASN A 43 -10.54 9.23 18.01
C ASN A 43 -10.68 9.05 19.51
N TYR A 44 -10.57 10.16 20.24
CA TYR A 44 -10.65 10.13 21.69
C TYR A 44 -11.32 11.41 22.19
N ILE A 45 -11.85 11.33 23.41
CA ILE A 45 -12.26 12.52 24.13
C ILE A 45 -11.07 12.98 24.97
N GLY A 46 -10.58 14.18 24.73
CA GLY A 46 -9.48 14.67 25.53
C GLY A 46 -9.93 15.11 26.92
N VAL A 47 -8.95 15.38 27.77
CA VAL A 47 -9.25 15.84 29.13
C VAL A 47 -10.06 17.15 29.10
N ASP A 48 -9.94 17.93 28.03
CA ASP A 48 -10.73 19.15 27.86
C ASP A 48 -12.18 18.87 27.42
N GLY A 49 -12.57 17.62 27.23
CA GLY A 49 -13.93 17.28 26.85
C GLY A 49 -14.23 17.45 25.39
N GLN A 50 -13.22 17.67 24.57
CA GLN A 50 -13.40 17.78 23.13
C GLN A 50 -12.99 16.46 22.46
N GLU A 51 -13.71 16.08 21.41
CA GLU A 51 -13.28 14.95 20.60
C GLU A 51 -12.16 15.36 19.65
N TYR A 52 -11.15 14.50 19.54
CA TYR A 52 -10.08 14.71 18.58
C TYR A 52 -10.02 13.50 17.68
N ALA A 53 -9.97 13.72 16.37
CA ALA A 53 -9.87 12.63 15.40
C ALA A 53 -8.44 12.70 14.89
N ILE A 54 -7.63 11.71 15.28
CA ILE A 54 -6.20 11.72 15.02
C ILE A 54 -5.91 10.84 13.81
N GLY A 55 -5.14 11.38 12.89
CA GLY A 55 -4.67 10.58 11.79
C GLY A 55 -5.55 10.65 10.56
N PRO A 56 -5.36 9.71 9.64
CA PRO A 56 -4.37 8.64 9.87
C PRO A 56 -2.91 9.08 9.84
N TRP A 57 -2.11 8.45 10.69
CA TRP A 57 -0.66 8.52 10.56
C TRP A 57 -0.23 7.40 9.64
N GLY A 58 0.69 7.68 8.72
CA GLY A 58 1.13 6.65 7.80
C GLY A 58 0.47 6.75 6.44
N GLY A 59 0.22 5.63 5.80
CA GLY A 59 -0.26 5.65 4.42
C GLY A 59 -1.28 4.57 4.10
N SER A 62 -4.33 -0.42 2.71
CA SER A 62 -4.43 -1.86 2.46
C SER A 62 -5.59 -2.53 3.23
N THR A 63 -5.28 -3.49 4.11
CA THR A 63 -6.30 -4.20 4.90
C THR A 63 -6.63 -3.40 6.16
N SER A 64 -7.94 -3.16 6.40
CA SER A 64 -8.38 -2.38 7.56
C SER A 64 -8.65 -3.30 8.76
N THR A 65 -8.36 -2.78 9.95
CA THR A 65 -8.72 -3.43 11.22
C THR A 65 -9.43 -2.38 12.04
N GLU A 66 -10.70 -2.56 12.32
CA GLU A 66 -11.49 -1.51 12.94
C GLU A 66 -11.82 -1.93 14.36
N ILE A 67 -11.49 -1.09 15.33
CA ILE A 67 -11.63 -1.45 16.73
C ILE A 67 -12.57 -0.45 17.39
N LYS A 68 -13.80 -0.85 17.60
CA LYS A 68 -14.79 -0.05 18.33
C LYS A 68 -14.73 -0.37 19.81
N LEU A 69 -14.72 0.67 20.63
CA LEU A 69 -14.68 0.42 22.05
C LEU A 69 -15.93 0.98 22.75
N SER A 71 -18.77 1.15 25.39
CA SER A 71 -18.71 2.29 26.29
C SER A 71 -17.86 1.93 27.50
N SER A 72 -17.90 0.64 27.86
CA SER A 72 -17.12 0.10 28.97
C SER A 72 -15.94 -0.73 28.49
N GLU A 73 -15.71 -0.78 27.18
CA GLU A 73 -14.68 -1.64 26.60
C GLU A 73 -13.37 -0.86 26.45
N GLN A 74 -12.29 -1.46 26.98
CA GLN A 74 -10.96 -0.85 27.02
C GLN A 74 -9.90 -1.75 26.37
N ILE A 75 -8.87 -1.14 25.78
CA ILE A 75 -7.70 -1.91 25.36
C ILE A 75 -6.91 -2.27 26.61
N LYS A 76 -6.78 -3.58 26.88
CA LYS A 76 -6.08 -4.06 28.05
C LYS A 76 -4.70 -4.63 27.76
N GLU A 77 -4.45 -5.13 26.54
CA GLU A 77 -3.14 -5.66 26.20
C GLU A 77 -2.78 -5.24 24.77
N ILE A 78 -1.53 -4.82 24.56
CA ILE A 78 -1.09 -4.47 23.22
C ILE A 78 0.33 -5.00 23.07
N SER A 79 0.60 -5.62 21.93
CA SER A 79 1.91 -6.22 21.67
C SER A 79 2.13 -6.19 20.16
N GLY A 80 3.34 -6.54 19.75
CA GLY A 80 3.61 -6.60 18.33
C GLY A 80 5.05 -6.92 18.06
N THR A 81 5.47 -6.62 16.84
CA THR A 81 6.86 -6.78 16.42
C THR A 81 7.22 -5.59 15.57
N HIS A 82 8.53 -5.35 15.42
CA HIS A 82 9.03 -4.38 14.47
C HIS A 82 10.30 -4.93 13.86
N GLY A 83 10.46 -4.71 12.57
CA GLY A 83 11.57 -5.30 11.85
C GLY A 83 11.61 -4.88 10.40
N PRO A 84 12.43 -5.57 9.61
CA PRO A 84 12.68 -5.14 8.22
C PRO A 84 11.58 -5.59 7.27
N VAL A 85 11.08 -4.64 6.49
CA VAL A 85 10.13 -4.91 5.43
C VAL A 85 10.42 -3.95 4.30
N TYR A 86 10.14 -4.31 3.05
N TYR A 86 10.05 -4.49 3.13
CA TYR A 86 10.12 -3.26 1.99
CA TYR A 86 10.61 -4.28 1.82
C TYR A 86 11.39 -2.40 1.89
C TYR A 86 12.11 -4.22 1.96
N ASP A 87 12.54 -3.02 2.13
CA ASP A 87 13.90 -2.49 2.05
C ASP A 87 14.10 -1.37 3.07
N LEU A 88 13.23 -1.32 4.10
CA LEU A 88 13.38 -0.42 5.23
C LEU A 88 13.82 -1.24 6.41
N ALA A 89 14.61 -0.64 7.29
CA ALA A 89 15.32 -1.49 8.25
C ALA A 89 14.44 -1.91 9.43
N ASP A 90 13.53 -1.04 9.89
CA ASP A 90 12.92 -1.23 11.22
C ASP A 90 11.57 -0.51 11.24
N ILE A 91 10.51 -1.27 10.97
CA ILE A 91 9.14 -0.75 10.85
C ILE A 91 8.27 -1.55 11.81
N VAL A 92 7.16 -0.97 12.27
CA VAL A 92 6.21 -1.79 13.05
C VAL A 92 5.53 -2.76 12.07
N THR A 93 5.71 -4.06 12.32
CA THR A 93 5.29 -5.05 11.36
C THR A 93 4.02 -5.77 11.78
N TYR A 94 3.67 -5.76 13.06
CA TYR A 94 2.56 -6.56 13.56
C TYR A 94 2.06 -5.94 14.85
N LEU A 95 0.75 -6.00 15.06
CA LEU A 95 0.12 -5.52 16.31
C LEU A 95 -0.94 -6.52 16.74
N LYS A 96 -1.01 -6.77 18.05
CA LYS A 96 -2.10 -7.56 18.64
C LYS A 96 -2.71 -6.77 19.78
N ILE A 97 -4.04 -6.62 19.75
CA ILE A 97 -4.77 -5.81 20.73
C ILE A 97 -5.86 -6.68 21.33
N VAL A 98 -5.91 -6.74 22.67
CA VAL A 98 -6.95 -7.47 23.37
C VAL A 98 -7.71 -6.50 24.29
N THR A 99 -9.04 -6.55 24.24
CA THR A 99 -9.87 -5.62 24.98
C THR A 99 -10.42 -6.28 26.23
N SER A 100 -11.00 -5.46 27.09
CA SER A 100 -11.60 -5.94 28.32
C SER A 100 -12.84 -6.80 28.08
N ALA A 101 -13.40 -6.75 26.89
CA ALA A 101 -14.48 -7.65 26.53
C ALA A 101 -13.96 -8.91 25.87
N ASN A 102 -12.64 -9.15 25.95
CA ASN A 102 -12.01 -10.32 25.36
C ASN A 102 -12.14 -10.38 23.83
N ASN A 103 -12.17 -9.24 23.16
CA ASN A 103 -12.06 -9.19 21.71
C ASN A 103 -10.60 -9.04 21.34
N THR A 104 -10.14 -9.82 20.37
CA THR A 104 -8.74 -9.82 19.96
C THR A 104 -8.66 -9.34 18.53
N TYR A 105 -7.77 -8.39 18.26
CA TYR A 105 -7.51 -7.91 16.91
C TYR A 105 -6.04 -8.10 16.59
N GLU A 106 -5.74 -8.48 15.34
CA GLU A 106 -4.38 -8.64 14.85
C GLU A 106 -4.27 -7.92 13.52
N ALA A 107 -3.12 -7.29 13.29
CA ALA A 107 -2.84 -6.63 12.02
C ALA A 107 -1.37 -6.84 11.66
N GLY A 108 -1.07 -7.04 10.36
CA GLY A 108 0.32 -7.22 9.95
C GLY A 108 0.81 -8.66 10.08
N VAL A 109 2.13 -8.82 10.03
CA VAL A 109 2.78 -10.13 10.00
C VAL A 109 3.94 -10.15 10.98
N PRO A 110 3.92 -11.01 12.01
CA PRO A 110 5.01 -11.05 12.99
C PRO A 110 6.36 -11.14 12.31
N ASN A 111 7.25 -10.22 12.65
CA ASN A 111 8.53 -10.09 11.95
C ASN A 111 9.42 -9.16 12.74
N GLY A 112 10.43 -9.70 13.43
CA GLY A 112 11.37 -8.89 14.17
C GLY A 112 11.23 -9.01 15.69
N LYS A 113 11.82 -8.05 16.38
CA LYS A 113 11.80 -8.05 17.85
C LYS A 113 10.41 -7.75 18.40
N GLU A 114 10.08 -8.36 19.52
CA GLU A 114 8.76 -8.24 20.13
C GLU A 114 8.72 -7.13 21.18
N PHE A 115 7.51 -6.64 21.42
CA PHE A 115 7.21 -5.79 22.57
C PHE A 115 5.82 -6.17 23.03
N SER A 116 5.50 -5.91 24.29
CA SER A 116 4.22 -6.36 24.80
C SER A 116 3.94 -5.64 26.10
N ILE A 117 2.70 -5.16 26.25
CA ILE A 117 2.23 -4.39 27.39
C ILE A 117 0.94 -5.04 27.88
N PRO A 118 1.02 -6.07 28.74
CA PRO A 118 -0.18 -6.64 29.37
C PRO A 118 -0.54 -5.84 30.62
N LEU A 119 -1.65 -5.12 30.57
CA LEU A 119 -2.04 -4.23 31.65
C LEU A 119 -2.95 -4.95 32.65
N GLN A 120 -2.61 -4.88 33.92
CA GLN A 120 -3.45 -5.43 34.97
C GLN A 120 -4.23 -4.32 35.66
N ASP A 121 -5.11 -4.71 36.58
CA ASP A 121 -5.90 -3.76 37.39
C ASP A 121 -6.72 -2.91 36.43
N SER A 122 -6.74 -1.60 36.59
CA SER A 122 -7.63 -0.76 35.78
C SER A 122 -6.91 -0.10 34.62
N GLY A 123 -5.62 -0.40 34.41
CA GLY A 123 -4.90 0.29 33.35
C GLY A 123 -5.48 -0.06 31.99
N HIS A 124 -5.49 0.94 31.10
CA HIS A 124 -5.95 0.73 29.73
C HIS A 124 -5.28 1.74 28.82
N VAL A 125 -5.11 1.35 27.56
CA VAL A 125 -4.55 2.25 26.54
C VAL A 125 -5.61 3.25 26.10
N VAL A 126 -5.26 4.55 26.11
CA VAL A 126 -6.18 5.61 25.71
C VAL A 126 -5.66 6.42 24.54
N GLY A 127 -4.45 6.17 24.07
CA GLY A 127 -3.99 6.91 22.90
C GLY A 127 -2.63 6.39 22.44
N PHE A 128 -2.09 7.05 21.42
CA PHE A 128 -0.89 6.61 20.74
C PHE A 128 0.02 7.79 20.40
N PHE A 129 1.29 7.47 20.13
CA PHE A 129 2.23 8.40 19.51
C PHE A 129 3.19 7.54 18.70
N GLY A 130 4.18 8.15 18.06
CA GLY A 130 5.13 7.29 17.36
C GLY A 130 5.85 8.04 16.27
N ARG A 131 6.20 7.31 15.20
CA ARG A 131 6.86 7.90 14.05
C ARG A 131 6.22 7.33 12.80
N SER A 132 6.09 8.14 11.76
CA SER A 132 5.43 7.64 10.56
C SER A 132 5.88 8.42 9.32
N GLY A 133 5.80 7.72 8.19
CA GLY A 133 6.01 8.28 6.86
C GLY A 133 4.95 7.67 5.96
N THR A 134 5.32 6.78 5.03
CA THR A 134 4.28 6.00 4.34
C THR A 134 3.80 4.79 5.16
N LEU A 135 4.48 4.44 6.26
CA LEU A 135 4.17 3.31 7.14
C LEU A 135 4.32 3.80 8.59
N ILE A 136 3.98 2.94 9.56
CA ILE A 136 4.18 3.27 10.96
C ILE A 136 5.58 2.80 11.33
N ASP A 137 6.54 3.74 11.31
CA ASP A 137 7.93 3.40 11.64
C ASP A 137 8.09 2.96 13.09
N ALA A 138 7.33 3.58 13.99
CA ALA A 138 7.43 3.30 15.41
C ALA A 138 6.10 3.67 16.04
N ILE A 139 5.75 2.98 17.13
CA ILE A 139 4.50 3.17 17.82
C ILE A 139 4.73 3.21 19.33
N GLY A 140 3.95 4.08 20.01
CA GLY A 140 3.95 4.18 21.46
C GLY A 140 2.53 4.41 21.95
N ILE A 141 2.34 4.31 23.29
CA ILE A 141 1.00 4.26 23.87
C ILE A 141 0.90 5.24 25.03
N TYR A 142 -0.30 5.78 25.20
CA TYR A 142 -0.68 6.45 26.44
C TYR A 142 -1.56 5.48 27.22
N VAL A 143 -1.32 5.39 28.53
CA VAL A 143 -1.98 4.43 29.39
C VAL A 143 -2.65 5.20 30.52
N HIS A 144 -3.95 4.98 30.68
CA HIS A 144 -4.71 5.54 31.75
C HIS A 144 -4.66 4.59 32.93
N PRO A 145 -4.24 5.05 34.13
CA PRO A 145 -4.17 4.09 35.23
C PRO A 145 -5.54 3.54 35.61
N THR B 2 6.18 -0.67 -37.28
CA THR B 2 5.22 -1.77 -37.38
C THR B 2 4.38 -2.02 -36.08
N LEU B 3 4.90 -1.66 -34.89
CA LEU B 3 4.12 -1.61 -33.65
C LEU B 3 3.76 -0.17 -33.34
N VAL B 4 2.57 0.05 -32.84
CA VAL B 4 2.16 1.37 -32.40
C VAL B 4 2.62 1.55 -30.96
N LYS B 5 3.26 2.69 -30.67
CA LYS B 5 3.79 2.96 -29.34
C LYS B 5 3.10 4.21 -28.82
N ILE B 6 2.44 4.10 -27.65
CA ILE B 6 1.54 5.13 -27.15
C ILE B 6 1.90 5.44 -25.72
N GLY B 7 1.95 6.74 -25.40
CA GLY B 7 2.26 7.18 -24.05
C GLY B 7 3.58 7.94 -24.00
N PRO B 8 4.17 8.07 -22.81
CA PRO B 8 3.69 7.55 -21.54
C PRO B 8 2.66 8.50 -20.87
N TRP B 9 1.92 7.97 -19.90
CA TRP B 9 1.03 8.75 -19.04
C TRP B 9 1.61 8.70 -17.63
N GLY B 10 1.73 9.85 -16.98
CA GLY B 10 2.32 9.93 -15.66
C GLY B 10 3.37 11.00 -15.57
N GLY B 11 4.19 10.94 -14.51
CA GLY B 11 5.12 12.00 -14.19
C GLY B 11 6.50 11.80 -14.79
N ASN B 12 7.43 12.67 -14.35
CA ASN B 12 8.79 12.67 -14.85
C ASN B 12 9.80 12.13 -13.85
N GLY B 13 9.35 11.62 -12.71
CA GLY B 13 10.25 11.00 -11.75
C GLY B 13 10.74 9.62 -12.21
N GLY B 14 11.65 9.05 -11.42
CA GLY B 14 12.17 7.73 -11.68
C GLY B 14 13.14 7.72 -12.86
N SER B 15 13.37 6.52 -13.36
CA SER B 15 14.23 6.26 -14.51
C SER B 15 13.41 5.64 -15.65
N ALA B 16 13.81 5.97 -16.88
CA ALA B 16 13.11 5.45 -18.05
C ALA B 16 13.27 3.94 -18.13
N GLN B 17 12.21 3.26 -18.53
CA GLN B 17 12.25 1.82 -18.75
C GLN B 17 11.64 1.52 -20.11
N ASP B 18 12.17 0.47 -20.76
CA ASP B 18 11.72 0.08 -22.10
C ASP B 18 12.30 -1.31 -22.39
N ILE B 19 11.93 -1.85 -23.55
CA ILE B 19 12.33 -3.19 -23.94
C ILE B 19 13.04 -3.11 -25.29
N SER B 20 14.07 -3.94 -25.48
CA SER B 20 14.79 -3.79 -26.73
C SER B 20 14.22 -4.68 -27.84
N VAL B 21 13.78 -5.89 -27.55
CA VAL B 21 13.26 -6.79 -28.58
C VAL B 21 11.77 -6.52 -28.75
N PRO B 22 11.33 -6.11 -29.94
CA PRO B 22 9.91 -5.78 -30.14
C PRO B 22 9.03 -6.96 -29.81
N PRO B 23 7.94 -6.73 -29.08
CA PRO B 23 7.05 -7.83 -28.68
C PRO B 23 6.14 -8.29 -29.81
N LYS B 24 5.90 -9.60 -29.85
CA LYS B 24 4.96 -10.20 -30.79
C LYS B 24 3.70 -10.68 -30.10
N LYS B 25 3.83 -11.38 -28.98
CA LYS B 25 2.70 -11.90 -28.25
C LYS B 25 2.97 -11.70 -26.76
N LEU B 26 1.99 -11.16 -26.04
CA LEU B 26 2.10 -10.96 -24.59
C LEU B 26 1.52 -12.18 -23.86
N LEU B 27 2.27 -12.73 -22.91
CA LEU B 27 1.84 -13.94 -22.20
C LEU B 27 1.21 -13.66 -20.86
N GLY B 28 1.67 -12.62 -20.17
CA GLY B 28 1.14 -12.34 -18.86
C GLY B 28 1.74 -11.06 -18.35
N VAL B 29 1.04 -10.50 -17.36
CA VAL B 29 1.40 -9.27 -16.70
C VAL B 29 1.16 -9.46 -15.22
N THR B 30 2.09 -8.99 -14.41
CA THR B 30 1.89 -8.92 -12.97
C THR B 30 2.03 -7.49 -12.51
N ILE B 31 0.99 -6.99 -11.85
CA ILE B 31 0.95 -5.65 -11.31
C ILE B 31 0.97 -5.74 -9.79
N TYR B 32 1.84 -4.96 -9.17
CA TYR B 32 1.89 -4.83 -7.72
C TYR B 32 1.42 -3.43 -7.36
N SER B 33 0.49 -3.35 -6.40
CA SER B 33 -0.09 -2.05 -6.10
C SER B 33 -0.65 -2.04 -4.69
N SER B 34 -0.74 -0.83 -4.11
CA SER B 34 -1.61 -0.61 -2.95
C SER B 34 -2.52 0.58 -3.24
N ASP B 35 -2.19 1.76 -2.72
CA ASP B 35 -2.88 3.00 -3.09
C ASP B 35 -2.44 3.53 -4.46
N ALA B 36 -1.34 3.01 -4.98
CA ALA B 36 -0.80 3.44 -6.25
C ALA B 36 -0.19 2.23 -6.93
N ILE B 37 0.25 2.42 -8.16
CA ILE B 37 0.90 1.32 -8.89
C ILE B 37 2.35 1.29 -8.48
N ARG B 38 2.77 0.17 -7.92
CA ARG B 38 4.09 0.04 -7.36
C ARG B 38 5.08 -0.63 -8.30
N SER B 39 4.64 -1.64 -9.05
CA SER B 39 5.55 -2.24 -10.02
C SER B 39 4.77 -3.01 -11.07
N ILE B 40 5.46 -3.27 -12.18
CA ILE B 40 4.89 -4.06 -13.25
C ILE B 40 5.98 -4.98 -13.78
N ALA B 41 5.57 -6.21 -14.09
CA ALA B 41 6.40 -7.22 -14.72
C ALA B 41 5.54 -7.84 -15.80
N PHE B 42 6.20 -8.30 -16.88
CA PHE B 42 5.44 -8.94 -17.94
C PHE B 42 6.36 -9.84 -18.75
N ASN B 43 5.77 -10.87 -19.34
CA ASN B 43 6.47 -11.82 -20.19
C ASN B 43 5.84 -11.80 -21.56
N TYR B 44 6.68 -11.81 -22.59
CA TYR B 44 6.18 -11.79 -23.95
C TYR B 44 7.10 -12.62 -24.82
N ILE B 45 6.58 -13.01 -25.98
CA ILE B 45 7.37 -13.62 -27.05
C ILE B 45 7.81 -12.50 -27.98
N GLY B 46 9.12 -12.36 -28.19
CA GLY B 46 9.62 -11.35 -29.07
C GLY B 46 9.40 -11.69 -30.53
N VAL B 47 9.63 -10.70 -31.41
CA VAL B 47 9.53 -11.01 -32.84
C VAL B 47 10.55 -12.07 -33.25
N ASP B 48 11.60 -12.26 -32.43
CA ASP B 48 12.63 -13.26 -32.65
C ASP B 48 12.24 -14.65 -32.16
N GLY B 49 10.98 -14.85 -31.75
CA GLY B 49 10.49 -16.10 -31.23
C GLY B 49 10.89 -16.44 -29.80
N GLN B 50 11.65 -15.59 -29.12
CA GLN B 50 12.16 -15.88 -27.78
C GLN B 50 11.25 -15.29 -26.69
N GLU B 51 11.18 -15.98 -25.53
CA GLU B 51 10.40 -15.45 -24.41
C GLU B 51 11.28 -14.54 -23.56
N TYR B 52 10.77 -13.34 -23.27
CA TYR B 52 11.47 -12.35 -22.44
C TYR B 52 10.64 -12.11 -21.19
N ALA B 53 11.29 -12.15 -20.04
CA ALA B 53 10.69 -11.85 -18.75
C ALA B 53 11.18 -10.47 -18.37
N ILE B 54 10.28 -9.49 -18.31
CA ILE B 54 10.65 -8.09 -18.12
C ILE B 54 10.36 -7.68 -16.67
N GLY B 55 11.35 -7.04 -16.07
CA GLY B 55 11.36 -6.55 -14.70
C GLY B 55 11.01 -7.52 -13.60
N PRO B 56 10.70 -6.94 -12.46
CA PRO B 56 9.53 -6.11 -12.14
C PRO B 56 10.20 -4.73 -12.26
N TRP B 57 9.56 -3.77 -12.90
CA TRP B 57 10.00 -2.39 -12.84
C TRP B 57 9.35 -1.79 -11.60
N GLY B 58 10.13 -1.09 -10.79
CA GLY B 58 9.58 -0.55 -9.54
C GLY B 58 9.71 -1.55 -8.41
N GLY B 59 9.08 -1.25 -7.27
CA GLY B 59 9.22 -2.04 -6.07
C GLY B 59 8.10 -3.06 -5.85
N GLY B 60 8.41 -4.09 -5.02
CA GLY B 60 7.49 -5.20 -4.83
C GLY B 60 6.40 -4.95 -3.81
N GLU B 61 5.40 -5.84 -3.80
CA GLU B 61 4.34 -5.80 -2.81
C GLU B 61 3.98 -7.23 -2.46
N SER B 62 3.46 -7.42 -1.25
CA SER B 62 2.89 -8.73 -0.94
C SER B 62 1.72 -9.03 -1.87
N THR B 63 1.04 -7.99 -2.35
CA THR B 63 -0.20 -8.11 -3.09
C THR B 63 0.04 -7.83 -4.57
N SER B 64 -0.15 -8.85 -5.40
CA SER B 64 -0.07 -8.69 -6.84
C SER B 64 -1.41 -9.02 -7.50
N THR B 65 -1.63 -8.39 -8.63
CA THR B 65 -2.68 -8.75 -9.56
C THR B 65 -2.00 -9.48 -10.72
N GLU B 66 -2.26 -10.78 -10.85
CA GLU B 66 -1.59 -11.61 -11.83
C GLU B 66 -2.50 -11.79 -13.04
N ILE B 67 -2.05 -11.35 -14.20
CA ILE B 67 -2.85 -11.39 -15.41
C ILE B 67 -2.18 -12.45 -16.26
N LYS B 68 -2.70 -13.68 -16.22
CA LYS B 68 -2.23 -14.72 -17.12
C LYS B 68 -3.17 -14.75 -18.30
N LEU B 69 -2.61 -14.63 -19.50
CA LEU B 69 -3.41 -14.54 -20.73
C LEU B 69 -3.47 -15.91 -21.38
N GLY B 70 -4.68 -16.36 -21.70
CA GLY B 70 -4.82 -17.53 -22.54
C GLY B 70 -4.10 -17.38 -23.86
N SER B 71 -3.87 -18.53 -24.50
CA SER B 71 -3.20 -18.58 -25.80
C SER B 71 -3.89 -17.73 -26.86
N SER B 72 -5.17 -17.39 -26.70
CA SER B 72 -5.85 -16.47 -27.61
C SER B 72 -6.43 -15.25 -26.90
N GLU B 73 -6.06 -15.02 -25.64
CA GLU B 73 -6.58 -13.92 -24.86
C GLU B 73 -5.73 -12.68 -25.08
N GLN B 74 -6.39 -11.53 -25.25
CA GLN B 74 -5.72 -10.29 -25.60
C GLN B 74 -6.14 -9.19 -24.66
N ILE B 75 -5.19 -8.35 -24.28
CA ILE B 75 -5.53 -7.10 -23.61
C ILE B 75 -6.10 -6.16 -24.66
N LYS B 76 -7.37 -5.81 -24.50
CA LYS B 76 -8.10 -5.01 -25.49
C LYS B 76 -8.34 -3.59 -25.02
N GLU B 77 -8.39 -3.36 -23.72
CA GLU B 77 -8.62 -2.03 -23.17
C GLU B 77 -7.68 -1.86 -21.99
N ILE B 78 -6.98 -0.75 -21.94
CA ILE B 78 -6.21 -0.40 -20.76
C ILE B 78 -6.50 1.05 -20.46
N SER B 79 -6.73 1.35 -19.19
CA SER B 79 -7.00 2.72 -18.76
C SER B 79 -6.40 2.91 -17.38
N GLY B 80 -6.40 4.16 -16.91
CA GLY B 80 -5.95 4.36 -15.54
C GLY B 80 -6.01 5.83 -15.17
N THR B 81 -5.39 6.14 -14.04
CA THR B 81 -5.23 7.52 -13.63
C THR B 81 -3.80 7.72 -13.21
N HIS B 82 -3.39 8.97 -13.20
CA HIS B 82 -2.10 9.33 -12.61
C HIS B 82 -2.24 10.66 -11.89
N GLY B 83 -1.62 10.74 -10.71
CA GLY B 83 -1.67 11.97 -9.95
C GLY B 83 -0.78 11.91 -8.72
N PRO B 84 -0.98 12.84 -7.79
CA PRO B 84 -0.10 12.91 -6.61
C PRO B 84 -0.46 11.85 -5.58
N VAL B 85 0.58 11.28 -4.98
CA VAL B 85 0.45 10.33 -3.88
C VAL B 85 1.71 10.45 -3.03
N TYR B 86 1.56 10.18 -1.72
CA TYR B 86 2.62 10.44 -0.72
C TYR B 86 3.15 11.85 -0.93
N ASP B 87 4.46 12.07 -1.07
CA ASP B 87 4.96 13.40 -1.37
C ASP B 87 5.41 13.50 -2.82
N LEU B 88 4.82 12.71 -3.72
CA LEU B 88 5.21 12.69 -5.12
C LEU B 88 4.12 13.34 -5.95
N ALA B 89 4.52 14.08 -6.99
CA ALA B 89 3.57 14.93 -7.71
C ALA B 89 2.69 14.15 -8.68
N ASP B 90 3.24 13.13 -9.36
CA ASP B 90 2.53 12.55 -10.53
C ASP B 90 3.03 11.13 -10.75
N ILE B 91 2.27 10.16 -10.25
CA ILE B 91 2.54 8.73 -10.22
C ILE B 91 1.36 8.05 -10.88
N VAL B 92 1.58 6.90 -11.52
CA VAL B 92 0.43 6.11 -11.96
C VAL B 92 -0.26 5.52 -10.74
N THR B 93 -1.52 5.85 -10.55
CA THR B 93 -2.23 5.55 -9.31
C THR B 93 -3.21 4.40 -9.46
N TYR B 94 -3.64 4.09 -10.68
CA TYR B 94 -4.70 3.15 -10.92
C TYR B 94 -4.55 2.62 -12.34
N LEU B 95 -4.74 1.33 -12.53
CA LEU B 95 -4.82 0.70 -13.83
C LEU B 95 -6.03 -0.22 -13.88
N LYS B 96 -6.69 -0.22 -15.05
CA LYS B 96 -7.76 -1.14 -15.36
C LYS B 96 -7.44 -1.80 -16.69
N ILE B 97 -7.41 -3.13 -16.71
CA ILE B 97 -7.13 -3.89 -17.92
C ILE B 97 -8.33 -4.79 -18.22
N VAL B 98 -8.79 -4.78 -19.46
CA VAL B 98 -9.90 -5.64 -19.87
C VAL B 98 -9.44 -6.48 -21.05
N THR B 99 -9.64 -7.79 -20.96
CA THR B 99 -9.21 -8.69 -22.00
C THR B 99 -10.37 -9.09 -22.89
N SER B 100 -10.01 -9.75 -23.97
CA SER B 100 -10.99 -10.21 -24.94
C SER B 100 -11.88 -11.32 -24.40
N ALA B 101 -11.62 -11.81 -23.19
CA ALA B 101 -12.43 -12.88 -22.60
C ALA B 101 -13.31 -12.32 -21.49
N ASN B 102 -13.48 -10.99 -21.48
CA ASN B 102 -14.29 -10.30 -20.49
C ASN B 102 -13.74 -10.45 -19.08
N ASN B 103 -12.41 -10.61 -19.00
CA ASN B 103 -11.69 -10.57 -17.72
C ASN B 103 -11.20 -9.16 -17.46
N THR B 104 -11.52 -8.63 -16.29
CA THR B 104 -11.18 -7.27 -15.90
C THR B 104 -10.26 -7.32 -14.69
N TYR B 105 -9.22 -6.49 -14.71
CA TYR B 105 -8.25 -6.40 -13.62
C TYR B 105 -8.07 -4.94 -13.24
N GLU B 106 -8.08 -4.68 -11.94
CA GLU B 106 -7.91 -3.35 -11.42
C GLU B 106 -6.80 -3.36 -10.38
N ALA B 107 -6.09 -2.24 -10.28
CA ALA B 107 -4.98 -2.11 -9.37
C ALA B 107 -4.89 -0.65 -9.02
N GLY B 108 -4.59 -0.41 -7.77
CA GLY B 108 -4.48 0.95 -7.28
C GLY B 108 -5.87 1.52 -7.02
N VAL B 109 -5.90 2.83 -6.89
CA VAL B 109 -7.11 3.54 -6.50
C VAL B 109 -7.26 4.74 -7.42
N PRO B 110 -8.37 4.86 -8.14
CA PRO B 110 -8.53 6.00 -9.05
C PRO B 110 -8.21 7.32 -8.38
N ASN B 111 -7.36 8.10 -9.02
CA ASN B 111 -6.77 9.25 -8.36
C ASN B 111 -6.03 10.11 -9.38
N GLY B 112 -6.66 11.20 -9.85
CA GLY B 112 -6.01 12.14 -10.77
C GLY B 112 -6.53 12.08 -12.19
N LYS B 113 -5.71 12.48 -13.16
CA LYS B 113 -6.16 12.58 -14.55
C LYS B 113 -6.27 11.20 -15.17
N GLU B 114 -7.28 11.02 -16.04
CA GLU B 114 -7.57 9.74 -16.65
C GLU B 114 -6.84 9.59 -17.97
N PHE B 115 -6.57 8.35 -18.33
CA PHE B 115 -6.21 7.99 -19.69
C PHE B 115 -6.91 6.69 -19.98
N SER B 116 -7.14 6.43 -21.27
CA SER B 116 -7.81 5.19 -21.62
C SER B 116 -7.56 4.87 -23.08
N ILE B 117 -7.34 3.60 -23.35
CA ILE B 117 -7.01 3.11 -24.68
C ILE B 117 -7.93 1.94 -24.96
N PRO B 118 -9.15 2.17 -25.45
CA PRO B 118 -10.02 1.05 -25.84
C PRO B 118 -9.72 0.65 -27.27
N LEU B 119 -9.19 -0.56 -27.49
CA LEU B 119 -8.72 -0.95 -28.82
C LEU B 119 -9.84 -1.70 -29.52
N GLN B 120 -10.09 -1.33 -30.77
CA GLN B 120 -11.12 -1.97 -31.58
C GLN B 120 -10.44 -2.90 -32.58
N ASP B 121 -11.24 -3.56 -33.41
CA ASP B 121 -10.73 -4.46 -34.46
C ASP B 121 -9.75 -5.44 -33.82
N SER B 122 -8.61 -5.68 -34.42
CA SER B 122 -7.69 -6.68 -33.92
C SER B 122 -6.56 -6.11 -33.05
N GLY B 123 -6.59 -4.81 -32.73
CA GLY B 123 -5.48 -4.23 -31.98
C GLY B 123 -5.41 -4.81 -30.59
N HIS B 124 -4.18 -4.94 -30.06
CA HIS B 124 -4.07 -5.43 -28.68
C HIS B 124 -2.72 -5.02 -28.11
N VAL B 125 -2.69 -4.82 -26.78
CA VAL B 125 -1.46 -4.48 -26.06
C VAL B 125 -0.54 -5.69 -26.00
N VAL B 126 0.70 -5.53 -26.49
CA VAL B 126 1.70 -6.59 -26.39
C VAL B 126 2.92 -6.24 -25.53
N GLY B 127 3.02 -5.02 -25.00
CA GLY B 127 4.15 -4.71 -24.13
C GLY B 127 4.02 -3.31 -23.57
N PHE B 128 5.02 -2.96 -22.76
CA PHE B 128 4.98 -1.72 -21.97
C PHE B 128 6.33 -1.03 -21.98
N PHE B 129 6.32 0.27 -21.64
CA PHE B 129 7.53 1.04 -21.33
C PHE B 129 7.08 2.06 -20.31
N GLY B 130 8.01 2.87 -19.81
CA GLY B 130 7.57 3.89 -18.89
C GLY B 130 8.72 4.42 -18.07
N ARG B 131 8.41 4.76 -16.82
CA ARG B 131 9.36 5.30 -15.85
C ARG B 131 9.05 4.71 -14.51
N SER B 132 10.09 4.29 -13.77
CA SER B 132 9.85 3.65 -12.49
C SER B 132 10.96 4.02 -11.51
N GLY B 133 10.61 4.02 -10.25
CA GLY B 133 11.58 4.13 -9.18
C GLY B 133 11.15 3.18 -8.09
N THR B 134 10.71 3.74 -6.96
CA THR B 134 9.99 2.91 -5.99
C THR B 134 8.57 2.58 -6.45
N LEU B 135 7.96 3.43 -7.30
CA LEU B 135 6.64 3.21 -7.86
C LEU B 135 6.73 3.29 -9.39
N ILE B 136 5.61 3.10 -10.07
CA ILE B 136 5.53 3.30 -11.52
C ILE B 136 5.19 4.77 -11.75
N ASP B 137 6.22 5.57 -12.05
CA ASP B 137 6.05 6.99 -12.34
C ASP B 137 5.20 7.23 -13.59
N ALA B 138 5.38 6.41 -14.62
CA ALA B 138 4.66 6.61 -15.87
C ALA B 138 4.62 5.28 -16.59
N ILE B 139 3.58 5.11 -17.40
CA ILE B 139 3.38 3.86 -18.11
C ILE B 139 3.03 4.19 -19.56
N GLY B 140 3.52 3.37 -20.49
CA GLY B 140 3.15 3.48 -21.89
C GLY B 140 2.99 2.08 -22.46
N ILE B 141 2.46 1.99 -23.69
CA ILE B 141 2.12 0.67 -24.26
C ILE B 141 2.63 0.52 -25.68
N TYR B 142 2.92 -0.74 -26.02
CA TYR B 142 3.10 -1.18 -27.39
C TYR B 142 1.82 -1.89 -27.83
N VAL B 143 1.36 -1.56 -29.03
CA VAL B 143 0.10 -2.07 -29.57
C VAL B 143 0.40 -2.78 -30.87
N HIS B 144 0.00 -4.05 -30.94
CA HIS B 144 0.03 -4.84 -32.16
C HIS B 144 -1.24 -4.59 -32.94
N PRO B 145 -1.18 -4.12 -34.18
CA PRO B 145 -2.42 -3.89 -34.92
C PRO B 145 -3.29 -5.13 -35.11
#